data_8X39
#
_entry.id   8X39
#
_cell.length_a   58.160
_cell.length_b   68.950
_cell.length_c   74.000
_cell.angle_alpha   90.000
_cell.angle_beta   90.000
_cell.angle_gamma   90.000
#
_symmetry.space_group_name_H-M   'P 21 21 21'
#
loop_
_entity.id
_entity.type
_entity.pdbx_description
1 polymer 'Serine protease'
2 non-polymer 'CALCIUM ION'
3 water water
#
_entity_poly.entity_id   1
_entity_poly.type   'polypeptide(L)'
_entity_poly.pdbx_seq_one_letter_code
;MSVKIGDIDGNGEISSIDYAILKSHLINSNLTFKQLAAADVDGNGYVNSIDLAILQMYLLGKGGTSDIGKNRIYTYGDID
NNGIVDENDYILICNHINGTGQLSDASLFAADADGNNVIDQTDRILIEKYITGRITHLPVGNQLEHHHHHH
;
_entity_poly.pdbx_strand_id   A,B
#
loop_
_chem_comp.id
_chem_comp.type
_chem_comp.name
_chem_comp.formula
CA non-polymer 'CALCIUM ION' 'Ca 2'
#
# COMPACT_ATOMS: atom_id res chain seq x y z
N SER A 2 -9.98 13.81 -4.34
CA SER A 2 -9.84 12.35 -4.27
C SER A 2 -9.61 11.91 -2.85
N VAL A 3 -10.21 10.77 -2.48
CA VAL A 3 -10.07 10.21 -1.15
C VAL A 3 -9.27 8.93 -1.28
N LYS A 4 -8.13 8.89 -0.62
CA LYS A 4 -7.26 7.73 -0.65
C LYS A 4 -7.45 6.91 0.61
N ILE A 5 -7.73 5.63 0.43
CA ILE A 5 -8.12 4.80 1.58
C ILE A 5 -6.92 4.63 2.51
N GLY A 6 -7.11 4.98 3.77
CA GLY A 6 -6.03 4.95 4.74
C GLY A 6 -5.27 6.26 4.87
N ASP A 7 -5.47 7.20 3.95
CA ASP A 7 -4.71 8.43 3.94
C ASP A 7 -5.41 9.48 4.79
N ILE A 8 -5.35 9.24 6.11
CA ILE A 8 -6.10 10.04 7.07
C ILE A 8 -5.66 11.50 7.04
N ASP A 9 -4.35 11.77 6.92
CA ASP A 9 -3.92 13.17 6.91
C ASP A 9 -3.99 13.81 5.52
N GLY A 10 -4.41 13.07 4.51
CA GLY A 10 -4.63 13.67 3.22
C GLY A 10 -3.40 14.03 2.43
N ASN A 11 -2.21 13.58 2.83
CA ASN A 11 -1.00 14.00 2.16
C ASN A 11 -0.64 13.12 0.98
N GLY A 12 -1.48 12.15 0.66
CA GLY A 12 -1.33 11.32 -0.51
C GLY A 12 -0.54 10.05 -0.30
N GLU A 13 0.07 9.86 0.85
CA GLU A 13 0.87 8.68 1.13
C GLU A 13 0.41 8.07 2.44
N ILE A 14 0.63 6.77 2.61
CA ILE A 14 0.12 6.02 3.77
C ILE A 14 1.26 5.86 4.76
N SER A 15 1.07 6.33 5.99
CA SER A 15 2.19 6.34 6.94
C SER A 15 1.67 6.09 8.34
N SER A 16 2.61 5.96 9.28
CA SER A 16 2.22 5.77 10.68
C SER A 16 1.52 7.00 11.25
N ILE A 17 1.72 8.19 10.67
CA ILE A 17 0.97 9.36 11.14
C ILE A 17 -0.51 9.19 10.86
N ASP A 18 -0.88 8.66 9.67
CA ASP A 18 -2.28 8.37 9.37
C ASP A 18 -2.87 7.48 10.45
N TYR A 19 -2.15 6.42 10.80
CA TYR A 19 -2.64 5.50 11.83
C TYR A 19 -2.82 6.23 13.16
N ALA A 20 -1.80 7.00 13.57
CA ALA A 20 -1.87 7.73 14.83
C ALA A 20 -3.11 8.61 14.89
N ILE A 21 -3.45 9.29 13.80
CA ILE A 21 -4.62 10.16 13.79
C ILE A 21 -5.91 9.35 13.97
N LEU A 22 -6.02 8.24 13.26
CA LEU A 22 -7.19 7.37 13.42
C LEU A 22 -7.28 6.83 14.86
N LYS A 23 -6.15 6.40 15.43
CA LYS A 23 -6.20 5.89 16.79
C LYS A 23 -6.70 6.95 17.75
N SER A 24 -6.22 8.19 17.59
CA SER A 24 -6.69 9.27 18.44
C SER A 24 -8.19 9.52 18.26
N HIS A 25 -8.67 9.47 17.01
CA HIS A 25 -10.09 9.67 16.74
C HIS A 25 -10.94 8.64 17.45
N LEU A 26 -10.51 7.39 17.46
CA LEU A 26 -11.30 6.37 18.13
C LEU A 26 -11.34 6.54 19.65
N ILE A 27 -10.41 7.31 20.22
CA ILE A 27 -10.48 7.69 21.64
C ILE A 27 -11.34 8.93 21.84
N ASN A 28 -11.18 9.93 21.00
CA ASN A 28 -11.99 11.15 21.03
C ASN A 28 -12.22 11.56 19.59
N SER A 29 -13.49 11.57 19.14
CA SER A 29 -13.78 11.82 17.72
C SER A 29 -13.27 13.17 17.26
N ASN A 30 -12.52 13.19 16.14
CA ASN A 30 -12.05 14.46 15.63
C ASN A 30 -11.90 14.49 14.11
N LEU A 31 -12.36 13.47 13.39
CA LEU A 31 -12.11 13.40 11.95
C LEU A 31 -13.18 14.14 11.16
N THR A 32 -12.74 14.76 10.07
CA THR A 32 -13.67 15.42 9.16
C THR A 32 -14.41 14.37 8.35
N PHE A 33 -15.42 14.80 7.59
CA PHE A 33 -16.10 13.84 6.72
C PHE A 33 -15.13 13.17 5.75
N LYS A 34 -14.26 13.97 5.13
CA LYS A 34 -13.30 13.41 4.19
C LYS A 34 -12.40 12.39 4.87
N GLN A 35 -11.93 12.72 6.06
CA GLN A 35 -11.09 11.77 6.78
C GLN A 35 -11.85 10.50 7.17
N LEU A 36 -13.13 10.62 7.53
CA LEU A 36 -13.91 9.42 7.82
C LEU A 36 -14.02 8.53 6.59
N ALA A 37 -14.16 9.14 5.41
CA ALA A 37 -14.21 8.33 4.20
C ALA A 37 -12.88 7.63 3.98
N ALA A 38 -11.77 8.32 4.24
CA ALA A 38 -10.46 7.68 4.09
C ALA A 38 -10.24 6.62 5.15
N ALA A 39 -10.88 6.78 6.32
CA ALA A 39 -10.62 5.90 7.44
C ALA A 39 -11.36 4.58 7.34
N ASP A 40 -12.38 4.47 6.48
CA ASP A 40 -13.17 3.25 6.35
C ASP A 40 -12.44 2.24 5.45
N VAL A 41 -11.34 1.70 6.01
CA VAL A 41 -10.44 0.84 5.25
C VAL A 41 -11.17 -0.38 4.69
N ASP A 42 -12.03 -1.03 5.48
CA ASP A 42 -12.66 -2.25 5.00
C ASP A 42 -13.94 -2.04 4.20
N GLY A 43 -14.38 -0.79 4.03
CA GLY A 43 -15.49 -0.48 3.18
C GLY A 43 -16.87 -0.80 3.70
N ASN A 44 -17.03 -1.08 4.99
CA ASN A 44 -18.34 -1.46 5.50
C ASN A 44 -19.15 -0.28 5.99
N GLY A 45 -18.64 0.92 5.84
CA GLY A 45 -19.39 2.14 6.04
C GLY A 45 -19.11 2.82 7.35
N TYR A 46 -18.57 2.09 8.30
CA TYR A 46 -18.36 2.62 9.63
C TYR A 46 -16.88 2.54 9.98
N VAL A 47 -16.44 3.53 10.74
CA VAL A 47 -15.04 3.67 11.08
C VAL A 47 -14.85 3.16 12.50
N ASN A 48 -14.05 2.11 12.66
CA ASN A 48 -13.93 1.51 13.97
C ASN A 48 -12.57 0.83 14.11
N SER A 49 -12.40 0.12 15.23
CA SER A 49 -11.11 -0.44 15.56
C SER A 49 -10.66 -1.50 14.57
N ILE A 50 -11.58 -2.10 13.82
CA ILE A 50 -11.17 -3.05 12.81
C ILE A 50 -10.44 -2.33 11.69
N ASP A 51 -10.94 -1.15 11.29
CA ASP A 51 -10.22 -0.40 10.28
C ASP A 51 -8.81 -0.08 10.78
N LEU A 52 -8.71 0.31 12.05
CA LEU A 52 -7.42 0.65 12.64
C LEU A 52 -6.48 -0.54 12.57
N ALA A 53 -7.00 -1.70 12.93
CA ALA A 53 -6.19 -2.90 12.94
C ALA A 53 -5.70 -3.23 11.54
N ILE A 54 -6.55 -3.12 10.52
CA ILE A 54 -6.12 -3.45 9.16
C ILE A 54 -5.00 -2.52 8.72
N LEU A 55 -5.12 -1.22 9.06
CA LEU A 55 -4.08 -0.25 8.75
C LEU A 55 -2.79 -0.57 9.50
N GLN A 56 -2.87 -1.00 10.77
CA GLN A 56 -1.66 -1.41 11.49
C GLN A 56 -0.99 -2.58 10.78
N MET A 57 -1.74 -3.62 10.45
CA MET A 57 -1.13 -4.78 9.82
C MET A 57 -0.49 -4.37 8.51
N TYR A 58 -1.14 -3.49 7.73
CA TYR A 58 -0.53 -3.03 6.47
C TYR A 58 0.81 -2.33 6.73
N LEU A 59 0.82 -1.40 7.67
CA LEU A 59 2.04 -0.61 7.90
C LEU A 59 3.20 -1.47 8.41
N LEU A 60 2.91 -2.55 9.13
CA LEU A 60 3.95 -3.41 9.67
C LEU A 60 4.38 -4.47 8.67
N GLY A 61 3.82 -4.42 7.47
CA GLY A 61 4.21 -5.35 6.41
C GLY A 61 3.52 -6.68 6.48
N LYS A 62 2.50 -6.81 7.30
CA LYS A 62 1.93 -8.11 7.64
C LYS A 62 0.56 -8.32 7.07
N GLY A 63 0.11 -7.42 6.25
CA GLY A 63 -1.27 -7.41 5.87
C GLY A 63 -1.57 -8.36 4.77
N GLY A 64 -2.85 -8.67 4.65
CA GLY A 64 -3.38 -9.41 3.53
C GLY A 64 -3.73 -8.41 2.45
N THR A 65 -4.71 -8.76 1.63
CA THR A 65 -5.15 -7.89 0.55
C THR A 65 -6.16 -6.88 1.10
N SER A 66 -5.95 -5.60 0.78
CA SER A 66 -6.82 -4.55 1.26
C SER A 66 -6.81 -3.44 0.23
N ASP A 67 -7.70 -2.48 0.44
CA ASP A 67 -7.83 -1.32 -0.41
C ASP A 67 -6.96 -0.15 0.05
N ILE A 68 -6.11 -0.36 1.06
CA ILE A 68 -5.27 0.74 1.53
C ILE A 68 -4.40 1.26 0.40
N GLY A 69 -4.41 2.57 0.25
CA GLY A 69 -3.66 3.22 -0.78
C GLY A 69 -4.45 3.51 -2.04
N LYS A 70 -5.58 2.84 -2.26
CA LYS A 70 -6.37 3.07 -3.45
C LYS A 70 -7.25 4.32 -3.30
N ASN A 71 -7.52 4.98 -4.43
CA ASN A 71 -8.49 6.06 -4.44
C ASN A 71 -9.88 5.50 -4.24
N ARG A 72 -10.60 6.06 -3.27
CA ARG A 72 -11.95 5.58 -2.98
C ARG A 72 -12.88 6.07 -4.06
N ILE A 73 -13.76 5.19 -4.53
CA ILE A 73 -14.76 5.54 -5.53
C ILE A 73 -15.90 6.26 -4.83
N TYR A 74 -16.15 7.51 -5.22
CA TYR A 74 -17.27 8.28 -4.66
C TYR A 74 -17.80 9.21 -5.76
N THR A 75 -19.07 9.55 -5.64
CA THR A 75 -19.70 10.58 -6.45
C THR A 75 -20.44 11.50 -5.50
N TYR A 76 -20.21 12.80 -5.62
CA TYR A 76 -20.93 13.72 -4.76
C TYR A 76 -22.44 13.58 -4.95
N GLY A 77 -23.15 13.52 -3.84
CA GLY A 77 -24.57 13.33 -3.84
C GLY A 77 -25.01 11.88 -3.89
N ASP A 78 -24.12 10.96 -4.24
CA ASP A 78 -24.43 9.53 -4.34
C ASP A 78 -24.15 8.88 -2.98
N ILE A 79 -25.11 9.06 -2.08
CA ILE A 79 -24.91 8.72 -0.69
C ILE A 79 -24.91 7.22 -0.46
N ASP A 80 -25.68 6.47 -1.24
CA ASP A 80 -25.65 5.01 -1.19
C ASP A 80 -24.61 4.39 -2.13
N ASN A 81 -23.86 5.22 -2.83
CA ASN A 81 -22.75 4.81 -3.66
C ASN A 81 -23.15 3.71 -4.64
N ASN A 82 -24.27 3.91 -5.33
CA ASN A 82 -24.72 3.02 -6.39
C ASN A 82 -24.50 3.59 -7.79
N GLY A 83 -23.84 4.74 -7.90
CA GLY A 83 -23.46 5.29 -9.20
C GLY A 83 -24.45 6.27 -9.81
N ILE A 84 -25.56 6.52 -9.14
CA ILE A 84 -26.59 7.45 -9.59
C ILE A 84 -26.94 8.36 -8.43
N VAL A 85 -27.21 9.61 -8.73
CA VAL A 85 -27.81 10.53 -7.76
C VAL A 85 -29.29 10.59 -8.09
N ASP A 86 -30.13 10.16 -7.15
CA ASP A 86 -31.57 10.10 -7.38
C ASP A 86 -32.27 10.26 -6.03
N GLU A 87 -33.59 10.02 -6.02
CA GLU A 87 -34.36 10.36 -4.83
C GLU A 87 -34.06 9.47 -3.64
N ASN A 88 -33.48 8.28 -3.87
CA ASN A 88 -33.07 7.44 -2.74
C ASN A 88 -31.90 8.08 -2.01
N ASP A 89 -31.02 8.81 -2.72
CA ASP A 89 -30.00 9.60 -2.01
C ASP A 89 -30.63 10.73 -1.22
N TYR A 90 -31.64 11.37 -1.80
CA TYR A 90 -32.36 12.43 -1.11
C TYR A 90 -32.98 11.89 0.17
N ILE A 91 -33.56 10.70 0.12
CA ILE A 91 -34.18 10.12 1.32
C ILE A 91 -33.14 9.92 2.41
N LEU A 92 -31.97 9.39 2.05
CA LEU A 92 -30.95 9.15 3.08
C LEU A 92 -30.58 10.45 3.77
N ILE A 93 -30.40 11.55 3.03
CA ILE A 93 -30.00 12.79 3.67
C ILE A 93 -31.16 13.39 4.45
N CYS A 94 -32.38 13.24 3.94
CA CYS A 94 -33.51 13.80 4.65
C CYS A 94 -33.69 13.13 6.00
N ASN A 95 -33.66 11.79 6.02
CA ASN A 95 -33.79 11.09 7.28
C ASN A 95 -32.66 11.49 8.24
N HIS A 96 -31.46 11.70 7.71
CA HIS A 96 -30.35 12.11 8.56
C HIS A 96 -30.64 13.45 9.24
N ILE A 97 -31.05 14.43 8.45
CA ILE A 97 -31.38 15.76 8.97
C ILE A 97 -32.54 15.69 9.96
N ASN A 98 -33.54 14.85 9.69
CA ASN A 98 -34.73 14.80 10.53
C ASN A 98 -34.53 13.92 11.77
N GLY A 99 -33.37 13.30 11.91
CA GLY A 99 -33.12 12.48 13.07
C GLY A 99 -33.70 11.10 13.02
N THR A 100 -34.12 10.63 11.85
CA THR A 100 -34.74 9.33 11.69
C THR A 100 -33.84 8.35 10.94
N GLY A 101 -32.59 8.71 10.68
CA GLY A 101 -31.59 7.72 10.31
C GLY A 101 -30.22 8.32 10.02
N GLN A 102 -29.25 7.87 10.77
CA GLN A 102 -27.94 8.48 10.73
C GLN A 102 -27.17 7.95 9.55
N LEU A 103 -26.57 8.85 8.80
CA LEU A 103 -25.71 8.44 7.72
C LEU A 103 -24.50 7.69 8.26
N SER A 104 -24.05 6.69 7.51
CA SER A 104 -22.83 6.00 7.86
C SER A 104 -21.70 7.00 7.87
N ASP A 105 -20.66 6.68 8.65
CA ASP A 105 -19.46 7.52 8.70
C ASP A 105 -18.90 7.76 7.30
N ALA A 106 -18.84 6.70 6.48
CA ALA A 106 -18.18 6.80 5.18
C ALA A 106 -19.01 7.49 4.11
N SER A 107 -20.31 7.74 4.35
CA SER A 107 -21.15 8.36 3.34
C SER A 107 -21.35 9.84 3.58
N LEU A 108 -20.87 10.35 4.71
CA LEU A 108 -21.04 11.77 4.99
C LEU A 108 -20.36 12.63 3.94
N PHE A 109 -19.17 12.21 3.46
CA PHE A 109 -18.46 13.00 2.47
C PHE A 109 -19.27 13.17 1.19
N ALA A 110 -19.89 12.10 0.71
CA ALA A 110 -20.70 12.22 -0.49
C ALA A 110 -21.96 13.03 -0.26
N ALA A 111 -22.52 12.98 0.95
CA ALA A 111 -23.71 13.77 1.24
C ALA A 111 -23.44 15.27 1.38
N ASP A 112 -22.22 15.65 1.69
CA ASP A 112 -21.87 17.04 2.00
C ASP A 112 -21.64 17.81 0.71
N ALA A 113 -22.74 18.16 0.07
CA ALA A 113 -22.76 18.70 -1.28
C ALA A 113 -22.18 20.09 -1.39
N ASP A 114 -22.00 20.83 -0.29
CA ASP A 114 -21.27 22.09 -0.36
C ASP A 114 -19.92 22.06 0.36
N GLY A 115 -19.50 20.90 0.84
CA GLY A 115 -18.18 20.69 1.38
C GLY A 115 -17.84 21.41 2.67
N ASN A 116 -18.82 21.80 3.47
CA ASN A 116 -18.55 22.59 4.68
C ASN A 116 -18.51 21.75 5.94
N ASN A 117 -18.50 20.43 5.81
CA ASN A 117 -18.35 19.50 6.92
C ASN A 117 -19.50 19.60 7.91
N VAL A 118 -20.66 20.00 7.40
CA VAL A 118 -21.92 19.92 8.11
C VAL A 118 -22.95 19.33 7.14
N ILE A 119 -23.81 18.44 7.63
CA ILE A 119 -24.96 17.98 6.85
C ILE A 119 -26.17 18.79 7.31
N ASP A 120 -26.76 19.55 6.39
CA ASP A 120 -27.92 20.34 6.78
C ASP A 120 -28.80 20.58 5.55
N GLN A 121 -29.78 21.47 5.74
CA GLN A 121 -30.79 21.74 4.72
C GLN A 121 -30.17 22.13 3.38
N THR A 122 -29.08 22.88 3.41
CA THR A 122 -28.45 23.30 2.16
C THR A 122 -28.01 22.10 1.33
N ASP A 123 -27.43 21.09 1.96
CA ASP A 123 -27.08 19.90 1.22
C ASP A 123 -28.29 19.24 0.60
N ARG A 124 -29.39 19.16 1.35
CA ARG A 124 -30.60 18.53 0.84
C ARG A 124 -31.10 19.28 -0.37
N ILE A 125 -31.13 20.61 -0.27
CA ILE A 125 -31.68 21.41 -1.35
C ILE A 125 -30.84 21.26 -2.60
N LEU A 126 -29.53 21.25 -2.42
CA LEU A 126 -28.65 21.09 -3.57
C LEU A 126 -28.90 19.75 -4.24
N ILE A 127 -29.04 18.70 -3.46
CA ILE A 127 -29.31 17.40 -4.07
C ILE A 127 -30.66 17.41 -4.77
N GLU A 128 -31.67 18.04 -4.15
CA GLU A 128 -32.96 18.18 -4.80
C GLU A 128 -32.84 18.89 -6.14
N LYS A 129 -32.12 20.01 -6.16
CA LYS A 129 -31.94 20.75 -7.41
C LYS A 129 -31.23 19.89 -8.46
N TYR A 130 -30.19 19.14 -8.06
CA TYR A 130 -29.46 18.29 -8.99
C TYR A 130 -30.35 17.21 -9.58
N ILE A 131 -31.09 16.51 -8.72
CA ILE A 131 -31.96 15.43 -9.18
C ILE A 131 -32.98 15.95 -10.19
N THR A 132 -33.54 17.14 -9.95
CA THR A 132 -34.60 17.66 -10.79
C THR A 132 -34.07 18.50 -11.95
N GLY A 133 -32.75 18.55 -12.11
CA GLY A 133 -32.14 19.19 -13.26
C GLY A 133 -32.06 20.69 -13.20
N ARG A 134 -32.22 21.29 -12.02
CA ARG A 134 -32.17 22.74 -11.90
C ARG A 134 -30.73 23.25 -11.76
N ILE A 135 -29.78 22.37 -11.47
CA ILE A 135 -28.35 22.71 -11.50
C ILE A 135 -27.64 21.55 -12.17
N THR A 136 -26.51 21.85 -12.81
CA THR A 136 -25.78 20.84 -13.58
C THR A 136 -24.78 20.06 -12.75
N HIS A 137 -24.42 20.56 -11.57
CA HIS A 137 -23.44 19.89 -10.72
C HIS A 137 -23.58 20.37 -9.29
N LEU A 138 -23.06 19.60 -8.37
CA LEU A 138 -23.05 20.06 -6.98
C LEU A 138 -21.85 20.98 -6.74
N PRO A 139 -21.99 21.99 -5.88
CA PRO A 139 -20.93 23.01 -5.79
C PRO A 139 -19.59 22.46 -5.30
N VAL A 140 -19.59 21.39 -4.52
CA VAL A 140 -18.34 20.84 -3.98
C VAL A 140 -17.44 20.27 -5.08
N SER B 2 15.14 -6.41 7.21
CA SER B 2 13.82 -6.69 6.66
C SER B 2 13.69 -6.11 5.27
N VAL B 3 13.06 -6.85 4.35
CA VAL B 3 12.80 -6.35 3.00
C VAL B 3 11.30 -6.12 2.88
N LYS B 4 10.93 -4.89 2.58
CA LYS B 4 9.54 -4.52 2.39
C LYS B 4 9.34 -4.13 0.94
N ILE B 5 8.36 -4.75 0.30
CA ILE B 5 8.23 -4.65 -1.16
C ILE B 5 7.79 -3.25 -1.53
N GLY B 6 8.51 -2.64 -2.47
CA GLY B 6 8.34 -1.25 -2.85
C GLY B 6 9.11 -0.25 -2.00
N ASP B 7 9.61 -0.66 -0.83
CA ASP B 7 10.32 0.23 0.09
C ASP B 7 11.79 0.26 -0.30
N ILE B 8 12.07 0.96 -1.40
CA ILE B 8 13.41 0.95 -1.95
C ILE B 8 14.40 1.67 -1.04
N ASP B 9 13.98 2.76 -0.38
CA ASP B 9 14.93 3.45 0.48
C ASP B 9 15.00 2.84 1.87
N GLY B 10 14.17 1.83 2.15
CA GLY B 10 14.28 1.08 3.38
C GLY B 10 13.82 1.82 4.61
N ASN B 11 13.02 2.86 4.46
CA ASN B 11 12.59 3.63 5.61
C ASN B 11 11.28 3.14 6.21
N GLY B 12 10.73 2.04 5.71
CA GLY B 12 9.58 1.43 6.32
C GLY B 12 8.26 1.84 5.72
N GLU B 13 8.23 2.83 4.84
CA GLU B 13 6.98 3.31 4.26
C GLU B 13 7.16 3.46 2.77
N ILE B 14 6.04 3.46 2.05
CA ILE B 14 6.05 3.50 0.59
C ILE B 14 5.74 4.93 0.18
N SER B 15 6.66 5.57 -0.54
CA SER B 15 6.46 6.97 -0.86
C SER B 15 7.06 7.30 -2.22
N SER B 16 6.88 8.56 -2.62
CA SER B 16 7.37 8.98 -3.92
C SER B 16 8.88 8.84 -4.03
N ILE B 17 9.59 8.95 -2.91
CA ILE B 17 11.05 8.78 -2.94
C ILE B 17 11.43 7.39 -3.44
N ASP B 18 10.68 6.39 -2.98
CA ASP B 18 10.93 5.01 -3.42
C ASP B 18 10.83 4.90 -4.93
N TYR B 19 9.81 5.53 -5.52
CA TYR B 19 9.68 5.50 -6.97
C TYR B 19 10.86 6.19 -7.64
N ALA B 20 11.24 7.35 -7.13
CA ALA B 20 12.34 8.08 -7.75
C ALA B 20 13.62 7.27 -7.76
N ILE B 21 13.89 6.54 -6.68
CA ILE B 21 15.10 5.73 -6.63
C ILE B 21 15.05 4.60 -7.65
N LEU B 22 13.89 3.99 -7.80
CA LEU B 22 13.79 2.90 -8.75
C LEU B 22 13.89 3.42 -10.18
N LYS B 23 13.24 4.55 -10.47
CA LYS B 23 13.35 5.12 -11.82
C LYS B 23 14.79 5.46 -12.14
N SER B 24 15.50 6.08 -11.19
CA SER B 24 16.88 6.44 -11.40
C SER B 24 17.72 5.21 -11.75
N HIS B 25 17.46 4.09 -11.07
CA HIS B 25 18.19 2.85 -11.29
C HIS B 25 17.93 2.29 -12.69
N LEU B 26 16.68 2.39 -13.15
CA LEU B 26 16.38 1.87 -14.47
C LEU B 26 17.01 2.72 -15.57
N ILE B 27 17.36 3.97 -15.27
CA ILE B 27 18.15 4.79 -16.19
C ILE B 27 19.64 4.47 -16.06
N ASN B 28 20.18 4.46 -14.84
CA ASN B 28 21.58 4.09 -14.60
C ASN B 28 21.62 3.13 -13.42
N SER B 29 22.00 1.85 -13.66
CA SER B 29 21.90 0.85 -12.60
C SER B 29 22.69 1.28 -11.35
N ASN B 30 22.04 1.26 -10.17
CA ASN B 30 22.75 1.63 -8.95
C ASN B 30 22.18 0.99 -7.68
N LEU B 31 21.18 0.14 -7.75
CA LEU B 31 20.57 -0.39 -6.54
C LEU B 31 21.47 -1.44 -5.89
N THR B 32 21.48 -1.45 -4.56
CA THR B 32 22.12 -2.54 -3.82
C THR B 32 21.30 -3.82 -3.97
N PHE B 33 21.90 -4.92 -3.56
CA PHE B 33 21.16 -6.18 -3.62
C PHE B 33 19.88 -6.10 -2.78
N LYS B 34 19.96 -5.51 -1.59
CA LYS B 34 18.78 -5.40 -0.75
C LYS B 34 17.73 -4.53 -1.42
N GLN B 35 18.16 -3.46 -2.08
CA GLN B 35 17.18 -2.63 -2.78
C GLN B 35 16.56 -3.38 -3.95
N LEU B 36 17.36 -4.19 -4.67
CA LEU B 36 16.78 -5.00 -5.73
C LEU B 36 15.70 -5.93 -5.21
N ALA B 37 15.94 -6.56 -4.05
CA ALA B 37 14.92 -7.42 -3.47
C ALA B 37 13.65 -6.63 -3.23
N ALA B 38 13.77 -5.40 -2.73
CA ALA B 38 12.59 -4.60 -2.45
C ALA B 38 11.93 -4.14 -3.73
N ALA B 39 12.70 -4.00 -4.80
CA ALA B 39 12.19 -3.44 -6.05
C ALA B 39 11.46 -4.45 -6.91
N ASP B 40 11.58 -5.75 -6.62
CA ASP B 40 10.92 -6.75 -7.43
C ASP B 40 9.45 -6.85 -6.99
N VAL B 41 8.71 -5.82 -7.35
CA VAL B 41 7.35 -5.66 -6.84
C VAL B 41 6.49 -6.85 -7.20
N ASP B 42 6.59 -7.33 -8.44
CA ASP B 42 5.68 -8.38 -8.88
C ASP B 42 6.21 -9.77 -8.59
N GLY B 43 7.37 -9.87 -7.97
CA GLY B 43 7.84 -11.14 -7.48
C GLY B 43 8.37 -12.09 -8.54
N ASN B 44 8.68 -11.59 -9.73
CA ASN B 44 9.03 -12.52 -10.80
C ASN B 44 10.53 -12.76 -10.85
N GLY B 45 11.28 -12.15 -9.92
CA GLY B 45 12.71 -12.30 -9.79
C GLY B 45 13.55 -11.22 -10.42
N TYR B 46 12.99 -10.45 -11.34
CA TYR B 46 13.76 -9.48 -12.11
C TYR B 46 13.20 -8.10 -11.88
N VAL B 47 14.08 -7.12 -11.83
CA VAL B 47 13.69 -5.75 -11.54
C VAL B 47 13.66 -4.99 -12.86
N ASN B 48 12.48 -4.52 -13.25
CA ASN B 48 12.36 -3.89 -14.57
C ASN B 48 11.23 -2.84 -14.60
N SER B 49 10.95 -2.33 -15.79
CA SER B 49 9.98 -1.25 -15.89
C SER B 49 8.58 -1.67 -15.48
N ILE B 50 8.25 -2.96 -15.54
CA ILE B 50 6.93 -3.38 -15.07
C ILE B 50 6.82 -3.18 -13.59
N ASP B 51 7.88 -3.50 -12.85
CA ASP B 51 7.83 -3.22 -11.42
C ASP B 51 7.63 -1.73 -11.17
N LEU B 52 8.35 -0.90 -11.91
CA LEU B 52 8.21 0.54 -11.73
C LEU B 52 6.80 0.98 -11.99
N ALA B 53 6.18 0.44 -13.05
CA ALA B 53 4.83 0.83 -13.44
C ALA B 53 3.83 0.45 -12.36
N ILE B 54 4.00 -0.74 -11.78
CA ILE B 54 3.11 -1.17 -10.71
C ILE B 54 3.23 -0.24 -9.51
N LEU B 55 4.46 0.17 -9.14
CA LEU B 55 4.64 1.11 -8.05
C LEU B 55 4.01 2.47 -8.38
N GLN B 56 4.19 2.94 -9.62
CA GLN B 56 3.59 4.21 -10.04
C GLN B 56 2.09 4.17 -9.90
N MET B 57 1.45 3.09 -10.38
CA MET B 57 0.00 3.00 -10.26
C MET B 57 -0.44 2.98 -8.80
N TYR B 58 0.30 2.27 -7.94
CA TYR B 58 -0.02 2.24 -6.52
C TYR B 58 0.00 3.64 -5.94
N LEU B 59 1.07 4.39 -6.21
CA LEU B 59 1.20 5.71 -5.61
C LEU B 59 0.14 6.68 -6.12
N LEU B 60 -0.43 6.44 -7.30
CA LEU B 60 -1.49 7.29 -7.82
C LEU B 60 -2.88 6.85 -7.35
N GLY B 61 -2.93 5.81 -6.53
CA GLY B 61 -4.17 5.30 -6.01
C GLY B 61 -4.92 4.43 -6.99
N LYS B 62 -4.28 4.02 -8.08
CA LYS B 62 -4.98 3.40 -9.20
C LYS B 62 -4.67 1.93 -9.36
N GLY B 63 -3.90 1.38 -8.46
CA GLY B 63 -3.43 0.03 -8.66
C GLY B 63 -4.48 -1.02 -8.35
N GLY B 64 -4.20 -2.24 -8.81
CA GLY B 64 -4.95 -3.42 -8.44
C GLY B 64 -4.32 -4.05 -7.21
N THR B 65 -4.45 -5.38 -7.10
CA THR B 65 -3.85 -6.13 -6.01
C THR B 65 -2.35 -6.34 -6.25
N SER B 66 -1.54 -6.01 -5.24
CA SER B 66 -0.11 -6.13 -5.35
C SER B 66 0.48 -6.39 -3.97
N ASP B 67 1.75 -6.78 -3.97
CA ASP B 67 2.47 -7.01 -2.73
C ASP B 67 3.14 -5.75 -2.18
N ILE B 68 2.90 -4.57 -2.79
CA ILE B 68 3.53 -3.35 -2.28
C ILE B 68 3.16 -3.18 -0.80
N GLY B 69 4.19 -2.96 0.02
CA GLY B 69 4.02 -2.73 1.43
C GLY B 69 4.19 -3.97 2.26
N LYS B 70 4.17 -5.14 1.63
CA LYS B 70 4.30 -6.37 2.39
C LYS B 70 5.77 -6.68 2.67
N ASN B 71 6.03 -7.28 3.83
CA ASN B 71 7.36 -7.85 4.05
C ASN B 71 7.54 -9.10 3.20
N ARG B 72 8.72 -9.27 2.64
CA ARG B 72 9.06 -10.52 1.95
C ARG B 72 10.18 -11.14 2.77
N ILE B 73 9.95 -12.35 3.27
CA ILE B 73 10.88 -12.99 4.20
C ILE B 73 12.04 -13.57 3.41
N TYR B 74 13.26 -13.26 3.83
CA TYR B 74 14.47 -13.76 3.20
C TYR B 74 15.21 -14.61 4.20
N THR B 75 15.72 -15.74 3.74
CA THR B 75 16.62 -16.56 4.54
C THR B 75 17.97 -16.52 3.84
N TYR B 76 18.99 -15.99 4.53
CA TYR B 76 20.33 -15.95 3.94
C TYR B 76 20.76 -17.35 3.55
N GLY B 77 21.27 -17.48 2.31
CA GLY B 77 21.69 -18.73 1.76
C GLY B 77 20.62 -19.56 1.10
N ASP B 78 19.34 -19.21 1.29
CA ASP B 78 18.24 -19.94 0.67
C ASP B 78 17.90 -19.25 -0.62
N ILE B 79 18.63 -19.62 -1.68
CA ILE B 79 18.56 -18.94 -2.96
C ILE B 79 17.33 -19.39 -3.72
N ASP B 80 16.95 -20.64 -3.57
CA ASP B 80 15.79 -21.15 -4.26
C ASP B 80 14.53 -21.02 -3.42
N ASN B 81 14.64 -20.40 -2.24
CA ASN B 81 13.48 -20.08 -1.41
C ASN B 81 12.65 -21.33 -1.11
N ASN B 82 13.32 -22.45 -0.82
CA ASN B 82 12.62 -23.68 -0.43
C ASN B 82 12.69 -23.95 1.07
N GLY B 83 13.25 -23.02 1.84
CA GLY B 83 13.22 -23.10 3.27
C GLY B 83 14.40 -23.77 3.92
N ILE B 84 15.34 -24.30 3.14
CA ILE B 84 16.54 -24.91 3.69
C ILE B 84 17.72 -24.42 2.87
N VAL B 85 18.88 -24.40 3.51
CA VAL B 85 20.12 -24.02 2.85
C VAL B 85 20.93 -25.30 2.63
N ASP B 86 21.15 -25.64 1.37
CA ASP B 86 21.83 -26.90 1.09
C ASP B 86 22.59 -26.78 -0.22
N GLU B 87 23.04 -27.94 -0.72
CA GLU B 87 23.92 -27.96 -1.88
C GLU B 87 23.22 -27.40 -3.11
N ASN B 88 21.89 -27.41 -3.16
CA ASN B 88 21.22 -26.87 -4.33
C ASN B 88 21.33 -25.36 -4.35
N ASP B 89 21.31 -24.72 -3.18
CA ASP B 89 21.59 -23.29 -3.15
C ASP B 89 23.03 -23.02 -3.54
N TYR B 90 23.93 -23.87 -3.06
CA TYR B 90 25.34 -23.73 -3.38
C TYR B 90 25.57 -23.79 -4.88
N ILE B 91 24.90 -24.73 -5.57
CA ILE B 91 25.07 -24.84 -7.01
C ILE B 91 24.61 -23.57 -7.70
N LEU B 92 23.52 -22.97 -7.22
CA LEU B 92 23.05 -21.75 -7.88
C LEU B 92 24.08 -20.63 -7.77
N ILE B 93 24.73 -20.48 -6.61
CA ILE B 93 25.73 -19.43 -6.48
C ILE B 93 26.97 -19.77 -7.29
N CYS B 94 27.38 -21.05 -7.30
CA CYS B 94 28.56 -21.42 -8.05
C CYS B 94 28.39 -21.14 -9.53
N ASN B 95 27.25 -21.55 -10.09
CA ASN B 95 27.01 -21.31 -11.50
C ASN B 95 27.06 -19.83 -11.81
N HIS B 96 26.47 -19.02 -10.93
CA HIS B 96 26.51 -17.58 -11.12
C HIS B 96 27.95 -17.10 -11.19
N ILE B 97 28.77 -17.52 -10.22
CA ILE B 97 30.16 -17.09 -10.16
C ILE B 97 30.91 -17.52 -11.41
N ASN B 98 30.61 -18.72 -11.90
CA ASN B 98 31.33 -19.28 -13.04
C ASN B 98 30.76 -18.84 -14.37
N GLY B 99 29.71 -18.04 -14.35
CA GLY B 99 29.12 -17.57 -15.58
C GLY B 99 28.32 -18.60 -16.31
N THR B 100 27.82 -19.63 -15.62
CA THR B 100 27.06 -20.71 -16.24
C THR B 100 25.63 -20.73 -15.73
N GLY B 101 25.22 -19.69 -15.03
CA GLY B 101 23.81 -19.40 -14.79
C GLY B 101 23.67 -18.21 -13.89
N GLN B 102 22.90 -17.21 -14.29
CA GLN B 102 22.85 -15.96 -13.56
C GLN B 102 21.75 -16.01 -12.52
N LEU B 103 22.07 -15.60 -11.30
CA LEU B 103 21.04 -15.45 -10.27
C LEU B 103 20.03 -14.37 -10.64
N SER B 104 18.78 -14.58 -10.28
CA SER B 104 17.78 -13.55 -10.51
C SER B 104 18.13 -12.33 -9.66
N ASP B 105 17.70 -11.13 -10.12
CA ASP B 105 17.93 -9.92 -9.34
C ASP B 105 17.46 -10.08 -7.90
N ALA B 106 16.31 -10.73 -7.70
CA ALA B 106 15.74 -10.79 -6.35
C ALA B 106 16.42 -11.80 -5.43
N SER B 107 17.27 -12.66 -5.95
CA SER B 107 17.93 -13.67 -5.12
C SER B 107 19.32 -13.25 -4.73
N LEU B 108 19.82 -12.15 -5.29
CA LEU B 108 21.19 -11.75 -5.01
C LEU B 108 21.37 -11.46 -3.54
N PHE B 109 20.38 -10.83 -2.92
CA PHE B 109 20.42 -10.51 -1.48
C PHE B 109 20.56 -11.77 -0.61
N ALA B 110 19.86 -12.85 -0.96
CA ALA B 110 19.98 -14.09 -0.21
C ALA B 110 21.35 -14.74 -0.41
N ALA B 111 21.98 -14.52 -1.57
CA ALA B 111 23.26 -15.14 -1.91
C ALA B 111 24.46 -14.39 -1.34
N ASP B 112 24.27 -13.15 -0.91
CA ASP B 112 25.38 -12.26 -0.56
C ASP B 112 25.72 -12.45 0.90
N ALA B 113 26.63 -13.38 1.15
CA ALA B 113 26.95 -13.80 2.51
C ALA B 113 27.70 -12.74 3.29
N ASP B 114 28.43 -11.85 2.63
CA ASP B 114 29.18 -10.79 3.32
C ASP B 114 28.64 -9.39 3.08
N GLY B 115 27.51 -9.28 2.39
CA GLY B 115 26.80 -8.03 2.23
C GLY B 115 27.55 -6.95 1.49
N ASN B 116 28.43 -7.28 0.56
CA ASN B 116 29.16 -6.28 -0.20
C ASN B 116 28.62 -6.03 -1.61
N ASN B 117 27.42 -6.54 -1.91
CA ASN B 117 26.76 -6.30 -3.18
C ASN B 117 27.56 -6.81 -4.37
N VAL B 118 28.32 -7.88 -4.15
CA VAL B 118 28.98 -8.64 -5.19
C VAL B 118 28.74 -10.10 -4.83
N ILE B 119 28.50 -10.95 -5.82
CA ILE B 119 28.52 -12.40 -5.62
C ILE B 119 29.84 -12.91 -6.19
N ASP B 120 30.72 -13.43 -5.33
CA ASP B 120 32.03 -13.89 -5.77
C ASP B 120 32.47 -15.11 -4.95
N GLN B 121 33.75 -15.48 -5.12
CA GLN B 121 34.24 -16.70 -4.46
C GLN B 121 34.02 -16.64 -2.95
N THR B 122 34.01 -15.46 -2.36
CA THR B 122 33.79 -15.35 -0.92
C THR B 122 32.41 -15.84 -0.51
N ASP B 123 31.37 -15.47 -1.28
CA ASP B 123 30.04 -15.98 -0.98
C ASP B 123 30.01 -17.50 -1.11
N ARG B 124 30.76 -18.07 -2.06
CA ARG B 124 30.79 -19.51 -2.21
C ARG B 124 31.40 -20.18 -0.97
N ILE B 125 32.56 -19.72 -0.54
CA ILE B 125 33.21 -20.32 0.61
C ILE B 125 32.32 -20.18 1.84
N LEU B 126 31.70 -19.03 2.03
CA LEU B 126 30.93 -18.84 3.25
C LEU B 126 29.70 -19.75 3.28
N ILE B 127 29.03 -19.96 2.15
CA ILE B 127 27.87 -20.84 2.20
C ILE B 127 28.33 -22.27 2.40
N GLU B 128 29.51 -22.64 1.88
CA GLU B 128 30.05 -23.97 2.13
C GLU B 128 30.22 -24.19 3.62
N LYS B 129 30.80 -23.20 4.30
CA LYS B 129 31.02 -23.33 5.74
C LYS B 129 29.71 -23.39 6.50
N TYR B 130 28.73 -22.62 6.05
CA TYR B 130 27.42 -22.61 6.67
C TYR B 130 26.76 -23.97 6.53
N ILE B 131 26.78 -24.52 5.33
CA ILE B 131 26.09 -25.79 5.09
C ILE B 131 26.72 -26.89 5.93
N THR B 132 28.04 -26.91 6.03
CA THR B 132 28.74 -27.96 6.76
C THR B 132 28.93 -27.64 8.24
N GLY B 133 28.40 -26.52 8.72
CA GLY B 133 28.37 -26.23 10.15
C GLY B 133 29.62 -25.59 10.72
N ARG B 134 30.61 -25.26 9.88
CA ARG B 134 31.82 -24.65 10.40
C ARG B 134 31.54 -23.25 10.96
N ILE B 135 30.68 -22.47 10.30
CA ILE B 135 30.26 -21.17 10.82
C ILE B 135 28.80 -21.26 11.21
N THR B 136 28.45 -20.68 12.35
CA THR B 136 27.11 -20.84 12.90
C THR B 136 26.07 -19.99 12.15
N HIS B 137 26.48 -18.87 11.57
CA HIS B 137 25.55 -18.05 10.80
C HIS B 137 26.32 -17.25 9.76
N LEU B 138 25.69 -17.01 8.62
CA LEU B 138 26.32 -16.21 7.58
C LEU B 138 26.46 -14.77 8.07
N PRO B 139 27.62 -14.14 7.85
CA PRO B 139 27.80 -12.76 8.36
C PRO B 139 26.77 -11.79 7.77
CA CA C . -0.98 10.18 4.78
CA CA D . -14.96 0.06 8.46
CA CA E . -27.28 6.84 -5.28
CA CA F . -22.89 20.77 3.96
CA CA G . 10.38 4.10 1.56
CA CA H . 9.75 -7.90 -11.25
CA CA I . 17.29 -23.62 -0.56
CA CA J . 29.42 -10.99 -1.52
#